data_3TCP
#
_entry.id   3TCP
#
_cell.length_a   51.158
_cell.length_b   91.142
_cell.length_c   68.356
_cell.angle_alpha   90.00
_cell.angle_beta   100.35
_cell.angle_gamma   90.00
#
_symmetry.space_group_name_H-M   'P 1 21 1'
#
loop_
_entity.id
_entity.type
_entity.pdbx_description
1 polymer 'Tyrosine-protein kinase Mer'
2 non-polymer 1-[(trans-4-aminocyclohexyl)methyl]-N-butyl-3-(4-fluorophenyl)-1H-pyrazolo[3,4-d]pyrimidin-6-amine
3 non-polymer 'CHLORIDE ION'
4 non-polymer 'CALCIUM ION'
5 water water
#
_entity_poly.entity_id   1
_entity_poly.type   'polypeptide(L)'
_entity_poly.pdbx_seq_one_letter_code
;MGSSHHHHHHSSGLVPRGSEELQNKLEDVVIDRNLLILGKILGEGEFGSVMEGNLKQEDGTSLKVAVKTMKLDNSSQREI
EEFLSEAACMKDFSHPNVIRLLGVCIEMSSQGIPKPMVILPFMKYGDLHTYLLYSRLETGPKHIPLQTLLKFMVDIALGM
EYLSNRNFLHRDLAARNCMLRDDMTVCVADFGLSKKIYSGDYYRQGRIAKMPVKWIAIESLADRVYTSKSDVWAFGVTMW
EIATRGMTPYPGVQNHEMYDYLLHGHRLKQPEDCLDELYEIMYSCWRTDPLDRPTFSVLRLQLEKLLESLPDV
;
_entity_poly.pdbx_strand_id   A,B
#
# COMPACT_ATOMS: atom_id res chain seq x y z
N LEU A 26 30.35 29.25 7.64
CA LEU A 26 29.41 28.29 8.30
C LEU A 26 27.97 28.56 7.88
N GLU A 27 27.51 29.77 8.18
CA GLU A 27 26.10 30.14 8.04
C GLU A 27 25.86 30.95 6.77
N ASP A 28 26.50 30.52 5.68
CA ASP A 28 26.35 31.17 4.36
C ASP A 28 25.05 30.75 3.69
N VAL A 29 24.63 29.52 3.96
CA VAL A 29 23.43 28.91 3.36
C VAL A 29 22.15 29.54 3.92
N VAL A 30 22.24 30.12 5.11
CA VAL A 30 21.11 30.78 5.78
C VAL A 30 20.53 31.90 4.91
N ILE A 31 19.23 31.81 4.67
CA ILE A 31 18.48 32.81 3.88
C ILE A 31 17.61 33.63 4.82
N ASP A 32 17.48 34.92 4.54
CA ASP A 32 16.61 35.80 5.32
C ASP A 32 15.12 35.44 5.18
N ARG A 33 14.47 35.23 6.32
CA ARG A 33 13.05 34.86 6.41
C ARG A 33 12.14 35.76 5.57
N ASN A 34 12.46 37.05 5.50
CA ASN A 34 11.65 38.01 4.76
C ASN A 34 11.53 37.74 3.26
N LEU A 35 12.48 37.00 2.68
CA LEU A 35 12.47 36.66 1.26
C LEU A 35 11.55 35.48 0.94
N LEU A 36 10.93 34.93 1.97
CA LEU A 36 10.14 33.70 1.85
C LEU A 36 8.68 33.89 2.23
N ILE A 37 7.79 33.30 1.42
CA ILE A 37 6.36 33.32 1.67
C ILE A 37 5.85 31.88 1.71
N LEU A 38 5.20 31.51 2.81
CA LEU A 38 4.71 30.15 3.00
C LEU A 38 3.22 30.03 2.69
N GLY A 39 2.86 28.95 1.99
CA GLY A 39 1.48 28.70 1.63
C GLY A 39 0.91 27.43 2.23
N LYS A 40 0.05 26.77 1.46
CA LYS A 40 -0.67 25.57 1.92
C LYS A 40 0.28 24.39 2.15
N ILE A 41 -0.10 23.52 3.10
CA ILE A 41 0.69 22.33 3.43
C ILE A 41 0.52 21.27 2.34
N LEU A 42 1.64 20.69 1.89
CA LEU A 42 1.61 19.72 0.81
C LEU A 42 1.60 18.27 1.32
N GLY A 43 2.64 17.87 2.03
CA GLY A 43 2.69 16.55 2.68
C GLY A 43 2.58 16.67 4.19
N SER A 49 6.56 19.03 8.80
CA SER A 49 5.56 19.38 7.78
C SER A 49 6.18 20.13 6.60
N VAL A 50 5.82 19.71 5.39
CA VAL A 50 6.31 20.37 4.16
C VAL A 50 5.24 21.27 3.51
N MET A 51 5.60 22.54 3.35
CA MET A 51 4.70 23.55 2.80
C MET A 51 5.16 24.04 1.43
N GLU A 52 4.24 24.64 0.70
CA GLU A 52 4.57 25.33 -0.55
C GLU A 52 5.06 26.74 -0.22
N GLY A 53 5.88 27.29 -1.10
CA GLY A 53 6.46 28.60 -0.86
C GLY A 53 6.91 29.32 -2.09
N ASN A 54 7.13 30.63 -1.92
CA ASN A 54 7.73 31.47 -2.93
C ASN A 54 9.02 32.08 -2.41
N LEU A 55 10.14 31.72 -3.04
CA LEU A 55 11.44 32.29 -2.69
C LEU A 55 11.79 33.42 -3.63
N LYS A 56 12.19 34.56 -3.08
CA LYS A 56 12.73 35.66 -3.89
C LYS A 56 14.25 35.57 -3.91
N GLN A 57 14.81 35.50 -5.11
CA GLN A 57 16.24 35.26 -5.29
C GLN A 57 17.04 36.57 -5.38
N GLU A 58 18.36 36.44 -5.44
CA GLU A 58 19.25 37.57 -5.66
C GLU A 58 19.03 38.19 -7.05
N ASP A 59 18.54 37.40 -8.01
CA ASP A 59 18.40 37.87 -9.39
C ASP A 59 17.09 38.62 -9.69
N GLY A 60 16.37 39.00 -8.63
CA GLY A 60 15.10 39.73 -8.78
C GLY A 60 13.87 38.83 -8.88
N THR A 61 14.01 37.71 -9.61
CA THR A 61 12.89 36.81 -9.90
C THR A 61 12.49 35.99 -8.68
N SER A 62 11.34 35.31 -8.77
CA SER A 62 10.84 34.47 -7.68
C SER A 62 10.71 33.02 -8.12
N LEU A 63 11.15 32.10 -7.25
CA LEU A 63 11.08 30.67 -7.54
C LEU A 63 10.09 29.96 -6.63
N LYS A 64 9.40 28.97 -7.19
CA LYS A 64 8.50 28.13 -6.41
C LYS A 64 9.34 27.13 -5.63
N VAL A 65 9.08 27.06 -4.33
CA VAL A 65 9.83 26.15 -3.46
C VAL A 65 8.95 25.25 -2.61
N ALA A 66 9.59 24.25 -2.00
CA ALA A 66 9.00 23.45 -0.93
C ALA A 66 9.80 23.66 0.36
N VAL A 67 9.07 23.84 1.45
CA VAL A 67 9.68 24.17 2.72
C VAL A 67 9.37 23.10 3.75
N LYS A 68 10.34 22.22 3.98
CA LYS A 68 10.23 21.25 5.06
C LYS A 68 10.61 21.90 6.38
N THR A 69 9.65 21.96 7.31
CA THR A 69 9.93 22.39 8.66
C THR A 69 10.38 21.17 9.47
N MET A 70 11.55 21.28 10.11
CA MET A 70 12.11 20.19 10.91
C MET A 70 11.49 20.09 12.30
N LYS A 71 11.16 18.85 12.67
CA LYS A 71 10.70 18.52 14.02
C LYS A 71 11.96 18.26 14.87
N LEU A 72 12.60 19.34 15.29
CA LEU A 72 13.95 19.28 15.85
C LEU A 72 14.01 19.47 17.36
N ASP A 73 15.04 18.89 17.97
CA ASP A 73 15.24 18.96 19.42
C ASP A 73 15.99 20.20 19.88
N ASN A 74 15.29 21.03 20.64
CA ASN A 74 15.91 22.15 21.35
C ASN A 74 16.35 21.67 22.74
N SER A 75 16.67 22.60 23.63
CA SER A 75 17.25 22.28 24.96
C SER A 75 18.49 21.39 24.84
N SER A 76 19.16 21.49 23.69
CA SER A 76 20.38 20.76 23.35
C SER A 76 20.75 21.20 21.94
N GLN A 77 21.89 21.86 21.80
CA GLN A 77 22.30 22.40 20.49
C GLN A 77 22.91 21.33 19.58
N ARG A 78 22.83 20.07 19.99
CA ARG A 78 23.43 18.96 19.26
C ARG A 78 22.66 18.54 17.99
N GLU A 79 21.33 18.55 18.06
CA GLU A 79 20.51 18.25 16.88
C GLU A 79 20.57 19.39 15.86
N ILE A 80 20.71 20.63 16.34
CA ILE A 80 20.77 21.80 15.47
C ILE A 80 22.13 21.96 14.79
N GLU A 81 23.21 21.60 15.50
CA GLU A 81 24.57 21.69 14.94
C GLU A 81 24.84 20.69 13.81
N GLU A 82 24.31 19.48 13.95
CA GLU A 82 24.42 18.43 12.94
C GLU A 82 23.55 18.78 11.73
N PHE A 83 22.49 19.52 11.99
CA PHE A 83 21.53 20.00 10.98
C PHE A 83 22.20 20.95 9.99
N LEU A 84 22.83 22.00 10.52
CA LEU A 84 23.53 23.00 9.71
C LEU A 84 24.72 22.39 8.99
N SER A 85 25.46 21.54 9.71
CA SER A 85 26.65 20.88 9.19
C SER A 85 26.34 20.08 7.91
N GLU A 86 25.23 19.35 7.93
CA GLU A 86 24.78 18.61 6.77
C GLU A 86 24.22 19.57 5.72
N ALA A 87 23.51 20.59 6.19
CA ALA A 87 22.94 21.63 5.32
C ALA A 87 24.01 22.27 4.43
N ALA A 88 25.09 22.76 5.04
CA ALA A 88 26.18 23.40 4.31
C ALA A 88 26.81 22.46 3.28
N CYS A 89 26.94 21.18 3.68
CA CYS A 89 27.47 20.14 2.80
C CYS A 89 26.50 19.88 1.65
N MET A 90 25.21 20.06 1.93
CA MET A 90 24.14 19.80 0.96
C MET A 90 23.96 20.92 -0.06
N LYS A 91 24.18 22.16 0.37
CA LYS A 91 24.12 23.31 -0.54
C LYS A 91 25.18 23.23 -1.65
N ASP A 92 26.30 22.57 -1.36
CA ASP A 92 27.37 22.38 -2.34
C ASP A 92 27.13 21.20 -3.29
N PHE A 93 25.95 20.57 -3.20
CA PHE A 93 25.60 19.44 -4.08
C PHE A 93 24.96 19.90 -5.39
N SER A 94 25.62 19.62 -6.51
CA SER A 94 25.15 20.10 -7.81
C SER A 94 25.18 19.03 -8.91
N HIS A 95 24.13 18.20 -8.92
CA HIS A 95 24.00 17.10 -9.88
C HIS A 95 22.56 17.05 -10.40
N PRO A 96 22.40 16.76 -11.71
CA PRO A 96 21.07 16.71 -12.33
C PRO A 96 20.14 15.64 -11.73
N ASN A 97 20.70 14.72 -10.95
CA ASN A 97 19.91 13.67 -10.27
C ASN A 97 19.90 13.75 -8.73
N VAL A 98 20.21 14.94 -8.19
CA VAL A 98 20.14 15.19 -6.76
C VAL A 98 19.45 16.54 -6.55
N ILE A 99 18.47 16.58 -5.65
CA ILE A 99 17.78 17.82 -5.34
C ILE A 99 18.78 18.88 -4.84
N ARG A 100 18.51 20.15 -5.15
CA ARG A 100 19.34 21.28 -4.74
C ARG A 100 18.82 21.89 -3.44
N LEU A 101 19.67 22.00 -2.43
CA LEU A 101 19.27 22.72 -1.20
C LEU A 101 19.46 24.21 -1.41
N LEU A 102 18.36 24.91 -1.68
CA LEU A 102 18.40 26.32 -2.02
C LEU A 102 18.75 27.22 -0.84
N GLY A 103 18.49 26.75 0.37
CA GLY A 103 18.90 27.48 1.57
C GLY A 103 18.23 27.01 2.85
N VAL A 104 18.56 27.66 3.95
CA VAL A 104 17.99 27.33 5.25
C VAL A 104 17.46 28.57 5.95
N CYS A 105 16.22 28.52 6.41
CA CYS A 105 15.58 29.61 7.15
C CYS A 105 15.31 29.18 8.58
N ILE A 106 15.26 30.16 9.49
CA ILE A 106 14.95 29.92 10.92
C ILE A 106 14.03 31.01 11.46
N GLU A 107 12.98 30.60 12.17
CA GLU A 107 12.04 31.53 12.82
C GLU A 107 12.57 31.95 14.19
N PRO A 114 12.05 28.86 17.50
CA PRO A 114 13.20 28.87 16.59
C PRO A 114 13.21 27.64 15.67
N LYS A 115 12.35 27.64 14.66
CA LYS A 115 12.15 26.47 13.80
C LYS A 115 13.00 26.49 12.52
N PRO A 116 13.85 25.46 12.32
CA PRO A 116 14.67 25.36 11.11
C PRO A 116 13.87 24.89 9.90
N MET A 117 14.11 25.50 8.75
CA MET A 117 13.32 25.23 7.54
C MET A 117 14.20 25.06 6.30
N VAL A 118 14.29 23.84 5.78
CA VAL A 118 15.07 23.63 4.55
C VAL A 118 14.25 24.08 3.35
N ILE A 119 14.90 24.81 2.45
CA ILE A 119 14.23 25.32 1.25
C ILE A 119 14.66 24.49 0.05
N LEU A 120 13.68 23.97 -0.68
CA LEU A 120 13.94 23.08 -1.80
C LEU A 120 13.18 23.48 -3.06
N PRO A 121 13.73 23.18 -4.25
CA PRO A 121 12.97 23.38 -5.49
C PRO A 121 11.65 22.64 -5.46
N PHE A 122 10.59 23.29 -5.89
CA PHE A 122 9.29 22.66 -6.01
C PHE A 122 9.23 21.91 -7.35
N MET A 123 8.82 20.65 -7.29
CA MET A 123 8.65 19.80 -8.47
C MET A 123 7.17 19.56 -8.75
N LYS A 124 6.63 20.25 -9.75
CA LYS A 124 5.20 20.14 -10.07
C LYS A 124 4.71 18.71 -10.38
N TYR A 125 5.62 17.85 -10.87
CA TYR A 125 5.26 16.46 -11.19
C TYR A 125 5.22 15.51 -9.98
N GLY A 126 5.79 15.96 -8.86
CA GLY A 126 5.65 15.27 -7.58
C GLY A 126 6.57 14.08 -7.45
N ASP A 127 6.31 13.26 -6.42
CA ASP A 127 7.11 12.06 -6.16
C ASP A 127 6.87 10.98 -7.21
N LEU A 128 7.89 10.14 -7.43
CA LEU A 128 7.84 9.06 -8.40
C LEU A 128 6.87 7.94 -8.00
N HIS A 129 6.70 7.74 -6.69
CA HIS A 129 5.76 6.73 -6.20
C HIS A 129 4.35 6.97 -6.72
N THR A 130 3.82 8.18 -6.46
CA THR A 130 2.45 8.54 -6.84
C THR A 130 2.30 8.49 -8.36
N TYR A 131 3.31 8.99 -9.06
CA TYR A 131 3.34 8.95 -10.51
C TYR A 131 3.11 7.52 -11.04
N LEU A 132 3.78 6.56 -10.41
CA LEU A 132 3.70 5.15 -10.84
C LEU A 132 2.29 4.58 -10.68
N LEU A 133 1.67 4.85 -9.52
CA LEU A 133 0.29 4.47 -9.29
C LEU A 133 -0.60 5.10 -10.36
N TYR A 134 -0.55 6.43 -10.46
CA TYR A 134 -1.27 7.18 -11.49
C TYR A 134 -1.14 6.59 -12.90
N SER A 135 0.05 6.08 -13.22
CA SER A 135 0.33 5.54 -14.56
C SER A 135 -0.59 4.39 -14.92
N ARG A 136 -1.03 3.65 -13.89
CA ARG A 136 -1.92 2.50 -14.06
C ARG A 136 -3.41 2.89 -14.13
N LEU A 137 -3.66 4.18 -14.33
CA LEU A 137 -5.02 4.66 -14.55
C LEU A 137 -5.13 5.31 -15.92
N GLU A 138 -6.29 5.11 -16.56
CA GLU A 138 -6.69 5.93 -17.71
C GLU A 138 -6.83 7.38 -17.20
N THR A 139 -6.75 8.35 -18.11
CA THR A 139 -6.79 9.79 -17.77
C THR A 139 -5.53 10.24 -17.03
N GLY A 140 -4.94 9.35 -16.24
CA GLY A 140 -3.60 9.57 -15.68
C GLY A 140 -2.55 9.26 -16.74
N PRO A 141 -1.26 9.46 -16.40
CA PRO A 141 -0.14 9.19 -17.30
C PRO A 141 -0.29 7.91 -18.15
N LYS A 142 0.44 7.87 -19.27
CA LYS A 142 0.40 6.77 -20.23
C LYS A 142 0.92 5.48 -19.58
N HIS A 143 0.76 4.34 -20.25
CA HIS A 143 1.38 3.10 -19.78
C HIS A 143 2.90 3.14 -19.99
N ILE A 144 3.63 3.05 -18.89
CA ILE A 144 5.08 3.18 -18.89
C ILE A 144 5.77 1.92 -19.40
N PRO A 145 6.55 2.05 -20.50
CA PRO A 145 7.29 0.89 -20.98
C PRO A 145 8.48 0.61 -20.07
N LEU A 146 9.12 -0.55 -20.25
CA LEU A 146 10.25 -0.92 -19.40
C LEU A 146 11.45 0.01 -19.58
N GLN A 147 11.58 0.59 -20.77
CA GLN A 147 12.68 1.53 -21.06
C GLN A 147 12.63 2.73 -20.12
N THR A 148 11.45 3.32 -19.95
CA THR A 148 11.27 4.44 -19.02
C THR A 148 11.43 3.98 -17.55
N LEU A 149 10.96 2.77 -17.23
CA LEU A 149 11.13 2.22 -15.88
C LEU A 149 12.60 2.11 -15.46
N LEU A 150 13.41 1.47 -16.31
CA LEU A 150 14.86 1.38 -16.15
C LEU A 150 15.54 2.74 -16.05
N LYS A 151 15.17 3.63 -16.96
CA LYS A 151 15.63 5.02 -16.98
C LYS A 151 15.39 5.74 -15.63
N PHE A 152 14.26 5.48 -14.98
CA PHE A 152 14.02 6.04 -13.64
C PHE A 152 15.07 5.52 -12.67
N MET A 153 15.32 4.20 -12.76
CA MET A 153 16.26 3.50 -11.87
C MET A 153 17.66 4.01 -12.07
N VAL A 154 18.11 4.03 -13.33
CA VAL A 154 19.40 4.64 -13.70
C VAL A 154 19.58 6.02 -13.03
N ASP A 155 18.57 6.89 -13.12
CA ASP A 155 18.63 8.24 -12.57
C ASP A 155 18.90 8.28 -11.05
N ILE A 156 18.25 7.39 -10.32
CA ILE A 156 18.52 7.23 -8.90
C ILE A 156 19.94 6.69 -8.67
N ALA A 157 20.36 5.72 -9.48
CA ALA A 157 21.71 5.22 -9.41
C ALA A 157 22.76 6.34 -9.57
N LEU A 158 22.53 7.26 -10.51
CA LEU A 158 23.42 8.40 -10.72
C LEU A 158 23.42 9.38 -9.53
N GLY A 159 22.25 9.63 -8.98
CA GLY A 159 22.18 10.50 -7.80
C GLY A 159 22.88 9.90 -6.60
N MET A 160 22.75 8.58 -6.44
CA MET A 160 23.33 7.88 -5.32
C MET A 160 24.83 7.65 -5.50
N GLU A 161 25.29 7.58 -6.75
CA GLU A 161 26.72 7.52 -7.03
C GLU A 161 27.36 8.83 -6.52
N TYR A 162 26.87 9.95 -7.05
CA TYR A 162 27.28 11.28 -6.61
C TYR A 162 27.38 11.42 -5.08
N LEU A 163 26.36 11.02 -4.35
CA LEU A 163 26.38 11.11 -2.88
C LEU A 163 27.38 10.15 -2.21
N SER A 164 27.39 8.91 -2.67
CA SER A 164 28.31 7.90 -2.18
C SER A 164 29.77 8.31 -2.39
N ASN A 165 30.02 9.09 -3.42
CA ASN A 165 31.37 9.64 -3.67
C ASN A 165 31.75 10.78 -2.72
N ARG A 166 30.73 11.52 -2.27
CA ARG A 166 30.90 12.58 -1.28
C ARG A 166 30.76 12.03 0.13
N ASN A 167 30.67 10.70 0.25
CA ASN A 167 30.47 10.01 1.53
C ASN A 167 29.25 10.48 2.30
N PHE A 168 28.21 10.84 1.55
CA PHE A 168 26.94 11.27 2.13
C PHE A 168 25.93 10.14 2.11
N LEU A 169 25.47 9.76 3.30
CA LEU A 169 24.45 8.73 3.45
C LEU A 169 23.04 9.31 3.28
N HIS A 170 22.22 8.65 2.48
CA HIS A 170 20.82 9.05 2.26
C HIS A 170 19.97 8.79 3.50
N ARG A 171 19.98 7.54 3.97
CA ARG A 171 19.26 7.11 5.19
C ARG A 171 17.74 6.87 5.07
N ASP A 172 17.13 7.37 3.99
CA ASP A 172 15.68 7.23 3.78
C ASP A 172 15.33 7.07 2.29
N LEU A 173 16.07 6.19 1.61
CA LEU A 173 15.85 5.94 0.20
C LEU A 173 14.62 5.06 -0.04
N ALA A 174 13.63 5.62 -0.73
CA ALA A 174 12.42 4.91 -1.13
C ALA A 174 11.79 5.69 -2.28
N ALA A 175 11.06 5.02 -3.17
CA ALA A 175 10.47 5.66 -4.35
C ALA A 175 9.67 6.95 -4.06
N ARG A 176 9.10 7.04 -2.86
CA ARG A 176 8.28 8.19 -2.48
C ARG A 176 9.13 9.43 -2.21
N ASN A 177 10.44 9.24 -2.08
CA ASN A 177 11.38 10.33 -1.85
C ASN A 177 12.17 10.72 -3.08
N CYS A 178 11.94 10.01 -4.19
CA CYS A 178 12.47 10.44 -5.47
C CYS A 178 11.48 11.40 -6.11
N MET A 179 11.95 12.61 -6.40
CA MET A 179 11.12 13.58 -7.10
C MET A 179 11.40 13.55 -8.61
N LEU A 180 10.42 14.00 -9.39
CA LEU A 180 10.54 14.11 -10.85
C LEU A 180 10.81 15.54 -11.27
N ARG A 181 11.82 15.74 -12.10
CA ARG A 181 12.12 17.08 -12.60
C ARG A 181 11.13 17.47 -13.70
N ASP A 182 11.14 18.74 -14.08
CA ASP A 182 10.25 19.24 -15.13
C ASP A 182 10.45 18.57 -16.49
N ASP A 183 11.64 18.02 -16.70
CA ASP A 183 11.99 17.31 -17.94
C ASP A 183 11.83 15.79 -17.80
N MET A 184 11.13 15.37 -16.73
CA MET A 184 10.87 13.96 -16.41
C MET A 184 12.13 13.12 -16.15
N THR A 185 13.13 13.73 -15.52
CA THR A 185 14.26 12.99 -14.94
C THR A 185 14.07 12.97 -13.43
N VAL A 186 14.66 11.98 -12.77
CA VAL A 186 14.43 11.72 -11.35
C VAL A 186 15.61 12.17 -10.49
N CYS A 187 15.32 12.96 -9.46
CA CYS A 187 16.35 13.33 -8.49
C CYS A 187 16.00 12.75 -7.12
N VAL A 188 17.03 12.42 -6.34
CA VAL A 188 16.81 11.93 -4.98
C VAL A 188 16.65 13.08 -3.99
N ALA A 189 15.69 12.93 -3.08
CA ALA A 189 15.39 13.99 -2.11
C ALA A 189 15.19 13.42 -0.71
N ASP A 190 14.88 14.32 0.23
CA ASP A 190 14.54 13.97 1.62
C ASP A 190 15.65 13.21 2.34
N PHE A 191 16.89 13.63 2.10
CA PHE A 191 18.04 13.08 2.79
C PHE A 191 18.54 14.03 3.86
N PRO A 212 10.36 3.42 8.51
CA PRO A 212 9.91 2.66 7.35
C PRO A 212 10.69 1.34 7.22
N VAL A 213 10.37 0.42 8.13
CA VAL A 213 11.10 -0.84 8.36
C VAL A 213 11.43 -1.62 7.09
N LYS A 214 10.49 -1.65 6.15
CA LYS A 214 10.60 -2.44 4.93
C LYS A 214 11.67 -1.96 3.95
N TRP A 215 12.36 -0.87 4.27
CA TRP A 215 13.47 -0.40 3.44
C TRP A 215 14.82 -0.54 4.15
N ILE A 216 14.78 -0.79 5.46
CA ILE A 216 15.99 -0.93 6.28
C ILE A 216 16.69 -2.30 6.09
N ALA A 217 18.00 -2.27 5.86
CA ALA A 217 18.81 -3.48 5.69
C ALA A 217 18.96 -4.29 6.98
N ILE A 218 19.10 -5.61 6.87
CA ILE A 218 19.17 -6.48 8.06
C ILE A 218 20.09 -5.96 9.15
N GLU A 219 21.32 -5.61 8.78
CA GLU A 219 22.35 -5.18 9.73
C GLU A 219 21.92 -3.91 10.49
N SER A 220 21.20 -3.03 9.80
CA SER A 220 20.72 -1.79 10.37
C SER A 220 19.55 -2.01 11.33
N LEU A 221 18.76 -3.05 11.07
CA LEU A 221 17.68 -3.47 11.95
C LEU A 221 18.24 -4.15 13.20
N ALA A 222 19.12 -5.11 12.98
CA ALA A 222 19.75 -5.91 14.04
C ALA A 222 20.62 -5.07 14.97
N ASP A 223 21.57 -4.34 14.38
CA ASP A 223 22.53 -3.55 15.14
C ASP A 223 22.12 -2.08 15.17
N ARG A 224 23.12 -1.20 15.13
CA ARG A 224 22.90 0.24 15.09
C ARG A 224 23.70 0.82 13.93
N VAL A 225 24.18 -0.07 13.05
CA VAL A 225 25.09 0.29 11.96
C VAL A 225 24.32 0.73 10.72
N TYR A 226 24.84 1.75 10.03
CA TYR A 226 24.33 2.18 8.73
C TYR A 226 25.45 2.75 7.86
N THR A 227 25.68 2.16 6.69
CA THR A 227 26.67 2.67 5.73
C THR A 227 26.09 2.81 4.32
N SER A 228 26.98 3.05 3.36
CA SER A 228 26.57 3.18 1.95
C SER A 228 25.88 1.93 1.44
N LYS A 229 26.25 0.78 2.01
CA LYS A 229 25.70 -0.51 1.60
C LYS A 229 24.28 -0.70 2.13
N SER A 230 23.96 -0.05 3.25
CA SER A 230 22.59 -0.01 3.77
C SER A 230 21.72 0.79 2.80
N ASP A 231 22.25 1.90 2.31
CA ASP A 231 21.63 2.70 1.24
C ASP A 231 21.46 1.85 -0.03
N VAL A 232 22.47 1.03 -0.37
CA VAL A 232 22.37 0.12 -1.52
C VAL A 232 21.22 -0.88 -1.35
N TRP A 233 20.99 -1.34 -0.13
CA TRP A 233 19.86 -2.22 0.16
C TRP A 233 18.56 -1.50 -0.15
N ALA A 234 18.42 -0.28 0.35
CA ALA A 234 17.21 0.52 0.12
C ALA A 234 16.95 0.72 -1.38
N PHE A 235 18.03 0.95 -2.13
CA PHE A 235 17.96 1.17 -3.57
C PHE A 235 17.31 0.02 -4.36
N GLY A 236 17.64 -1.21 -3.99
CA GLY A 236 16.97 -2.39 -4.55
C GLY A 236 15.50 -2.42 -4.19
N VAL A 237 15.18 -2.12 -2.94
CA VAL A 237 13.77 -2.08 -2.51
C VAL A 237 13.04 -1.02 -3.33
N THR A 238 13.71 0.11 -3.57
CA THR A 238 13.22 1.14 -4.47
C THR A 238 13.09 0.63 -5.90
N MET A 239 14.13 -0.02 -6.40
CA MET A 239 14.12 -0.65 -7.74
C MET A 239 12.87 -1.51 -7.91
N TRP A 240 12.52 -2.23 -6.85
CA TRP A 240 11.39 -3.15 -6.87
C TRP A 240 10.04 -2.41 -6.88
N GLU A 241 9.96 -1.25 -6.23
CA GLU A 241 8.75 -0.44 -6.27
C GLU A 241 8.47 0.01 -7.70
N ILE A 242 9.53 0.42 -8.39
CA ILE A 242 9.41 0.90 -9.76
C ILE A 242 8.95 -0.21 -10.72
N ALA A 243 9.54 -1.40 -10.58
CA ALA A 243 9.18 -2.54 -11.43
C ALA A 243 7.76 -3.05 -11.15
N THR A 244 7.32 -2.94 -9.90
CA THR A 244 5.95 -3.30 -9.53
C THR A 244 4.97 -2.17 -9.81
N ARG A 245 5.49 -1.00 -10.18
CA ARG A 245 4.69 0.22 -10.39
C ARG A 245 3.93 0.65 -9.12
N GLY A 246 4.59 0.53 -7.97
CA GLY A 246 4.10 1.11 -6.73
C GLY A 246 3.59 0.14 -5.69
N MET A 247 3.84 -1.15 -5.87
CA MET A 247 3.50 -2.12 -4.81
C MET A 247 4.21 -1.79 -3.49
N THR A 248 3.56 -2.13 -2.38
CA THR A 248 4.20 -2.13 -1.09
C THR A 248 5.08 -3.36 -1.02
N PRO A 249 6.36 -3.21 -0.64
CA PRO A 249 7.26 -4.34 -0.41
C PRO A 249 6.71 -5.39 0.58
N TYR A 250 7.10 -6.64 0.35
CA TYR A 250 6.73 -7.78 1.18
C TYR A 250 5.21 -7.90 1.43
N PRO A 251 4.43 -8.14 0.35
CA PRO A 251 3.01 -8.41 0.50
C PRO A 251 2.78 -9.67 1.36
N GLY A 252 1.82 -9.60 2.28
CA GLY A 252 1.55 -10.70 3.22
C GLY A 252 2.40 -10.65 4.49
N VAL A 253 3.62 -10.15 4.36
CA VAL A 253 4.56 -10.01 5.46
C VAL A 253 4.35 -8.67 6.15
N GLN A 254 4.19 -8.72 7.47
CA GLN A 254 3.93 -7.52 8.27
C GLN A 254 5.21 -6.94 8.82
N ASN A 255 5.12 -5.72 9.37
CA ASN A 255 6.30 -4.96 9.83
C ASN A 255 7.13 -5.64 10.92
N HIS A 256 6.47 -6.20 11.93
CA HIS A 256 7.18 -6.87 13.03
C HIS A 256 7.75 -8.25 12.62
N GLU A 257 7.24 -8.78 11.52
CA GLU A 257 7.70 -10.07 11.00
C GLU A 257 9.01 -9.92 10.23
N MET A 258 9.31 -8.70 9.77
CA MET A 258 10.41 -8.43 8.85
C MET A 258 11.77 -8.97 9.26
N TYR A 259 12.18 -8.66 10.48
CA TYR A 259 13.49 -9.09 10.94
C TYR A 259 13.70 -10.60 10.83
N ASP A 260 12.79 -11.38 11.44
CA ASP A 260 12.82 -12.85 11.42
C ASP A 260 12.66 -13.41 10.00
N TYR A 261 11.90 -12.68 9.18
CA TYR A 261 11.67 -13.02 7.79
C TYR A 261 12.96 -12.89 6.96
N LEU A 262 13.66 -11.77 7.10
CA LEU A 262 14.92 -11.55 6.38
C LEU A 262 16.08 -12.38 6.94
N LEU A 263 15.96 -12.73 8.23
CA LEU A 263 16.97 -13.55 8.91
C LEU A 263 16.94 -15.02 8.45
N HIS A 264 15.83 -15.42 7.83
CA HIS A 264 15.67 -16.78 7.33
C HIS A 264 16.10 -16.91 5.88
N GLY A 265 16.49 -15.79 5.26
CA GLY A 265 17.03 -15.81 3.91
C GLY A 265 16.10 -15.34 2.81
N HIS A 266 14.86 -15.02 3.17
CA HIS A 266 13.85 -14.61 2.19
C HIS A 266 14.03 -13.14 1.82
N ARG A 267 13.88 -12.86 0.53
CA ARG A 267 13.99 -11.51 0.02
C ARG A 267 12.80 -11.20 -0.89
N LEU A 268 12.70 -9.95 -1.35
CA LEU A 268 11.63 -9.56 -2.25
C LEU A 268 11.52 -10.48 -3.47
N LYS A 269 10.32 -10.99 -3.73
CA LYS A 269 10.12 -11.91 -4.85
C LYS A 269 10.09 -11.22 -6.21
N GLN A 270 10.51 -11.93 -7.25
CA GLN A 270 10.51 -11.42 -8.62
C GLN A 270 9.11 -11.07 -9.12
N PRO A 271 8.93 -9.82 -9.59
CA PRO A 271 7.70 -9.39 -10.30
C PRO A 271 7.47 -10.17 -11.60
N GLU A 272 6.20 -10.32 -11.99
CA GLU A 272 5.79 -11.20 -13.10
C GLU A 272 6.60 -10.99 -14.39
N ASP A 273 6.28 -9.96 -15.15
CA ASP A 273 6.94 -9.72 -16.43
C ASP A 273 8.26 -8.92 -16.28
N CYS A 274 8.95 -9.14 -15.16
CA CYS A 274 10.24 -8.49 -14.89
C CYS A 274 11.42 -9.33 -15.38
N LEU A 275 12.32 -8.70 -16.13
CA LEU A 275 13.50 -9.38 -16.68
C LEU A 275 14.36 -10.05 -15.62
N ASP A 276 14.84 -11.25 -15.95
CA ASP A 276 15.75 -12.00 -15.09
C ASP A 276 16.94 -11.17 -14.64
N GLU A 277 17.54 -10.49 -15.61
CA GLU A 277 18.74 -9.68 -15.40
C GLU A 277 18.54 -8.51 -14.43
N LEU A 278 17.33 -7.92 -14.44
CA LEU A 278 16.99 -6.78 -13.57
C LEU A 278 16.76 -7.25 -12.14
N TYR A 279 16.22 -8.45 -11.99
CA TYR A 279 16.02 -9.04 -10.67
C TYR A 279 17.37 -9.47 -10.09
N GLU A 280 18.26 -9.94 -10.96
CA GLU A 280 19.64 -10.21 -10.56
C GLU A 280 20.29 -8.95 -9.99
N ILE A 281 20.07 -7.82 -10.66
CA ILE A 281 20.65 -6.57 -10.20
C ILE A 281 20.08 -6.17 -8.84
N MET A 282 18.75 -6.20 -8.69
CA MET A 282 18.15 -5.77 -7.43
C MET A 282 18.44 -6.72 -6.28
N TYR A 283 18.57 -8.02 -6.58
CA TYR A 283 18.87 -9.03 -5.57
C TYR A 283 20.27 -8.87 -4.97
N SER A 284 21.23 -8.42 -5.79
CA SER A 284 22.59 -8.16 -5.31
C SER A 284 22.61 -7.11 -4.21
N CYS A 285 21.55 -6.30 -4.16
CA CYS A 285 21.40 -5.23 -3.19
C CYS A 285 21.01 -5.75 -1.81
N TRP A 286 20.52 -7.00 -1.76
CA TRP A 286 20.06 -7.57 -0.48
C TRP A 286 20.92 -8.72 0.08
N ARG A 287 22.12 -8.92 -0.47
CA ARG A 287 23.00 -9.98 0.03
C ARG A 287 23.31 -9.78 1.50
N THR A 288 23.25 -10.86 2.27
CA THR A 288 23.36 -10.81 3.74
C THR A 288 24.58 -10.02 4.23
N ASP A 289 25.74 -10.26 3.63
CA ASP A 289 26.95 -9.53 3.98
C ASP A 289 26.97 -8.20 3.22
N PRO A 290 26.99 -7.06 3.95
CA PRO A 290 27.00 -5.76 3.27
C PRO A 290 28.16 -5.66 2.28
N LEU A 291 29.32 -6.16 2.66
CA LEU A 291 30.49 -6.14 1.80
C LEU A 291 30.35 -6.97 0.52
N ASP A 292 29.30 -7.80 0.45
CA ASP A 292 29.00 -8.57 -0.76
C ASP A 292 28.17 -7.77 -1.76
N ARG A 293 27.57 -6.67 -1.31
CA ARG A 293 26.72 -5.84 -2.17
C ARG A 293 27.56 -4.89 -3.01
N PRO A 294 27.15 -4.68 -4.29
CA PRO A 294 27.86 -3.78 -5.18
C PRO A 294 27.74 -2.31 -4.74
N THR A 295 28.71 -1.50 -5.13
CA THR A 295 28.64 -0.05 -4.92
C THR A 295 27.62 0.56 -5.89
N PHE A 296 27.21 1.79 -5.61
CA PHE A 296 26.33 2.50 -6.51
C PHE A 296 26.93 2.75 -7.90
N SER A 297 28.25 2.84 -8.00
CA SER A 297 28.88 3.04 -9.31
C SER A 297 28.82 1.76 -10.15
N VAL A 298 29.04 0.61 -9.52
CA VAL A 298 28.81 -0.68 -10.16
C VAL A 298 27.38 -0.79 -10.68
N LEU A 299 26.41 -0.57 -9.78
CA LEU A 299 24.99 -0.70 -10.12
C LEU A 299 24.57 0.21 -11.27
N ARG A 300 24.97 1.49 -11.19
CA ARG A 300 24.67 2.48 -12.22
C ARG A 300 25.04 1.93 -13.59
N LEU A 301 26.22 1.32 -13.72
CA LEU A 301 26.70 0.84 -15.01
C LEU A 301 25.99 -0.42 -15.52
N GLN A 302 25.48 -1.25 -14.60
CA GLN A 302 24.77 -2.47 -15.00
C GLN A 302 23.38 -2.14 -15.56
N LEU A 303 22.70 -1.21 -14.89
CA LEU A 303 21.42 -0.66 -15.36
C LEU A 303 21.55 0.12 -16.68
N GLU A 304 22.58 0.96 -16.79
CA GLU A 304 22.85 1.70 -18.00
C GLU A 304 23.09 0.78 -19.20
N LYS A 305 23.81 -0.32 -18.96
CA LYS A 305 24.08 -1.29 -20.01
C LYS A 305 22.85 -2.14 -20.34
N LEU A 306 22.12 -2.54 -19.30
CA LEU A 306 20.92 -3.33 -19.51
C LEU A 306 19.88 -2.55 -20.30
N LEU A 307 19.71 -1.27 -19.93
CA LEU A 307 18.80 -0.35 -20.63
C LEU A 307 19.21 -0.15 -22.09
N GLU A 308 20.52 -0.02 -22.31
CA GLU A 308 21.06 0.15 -23.66
C GLU A 308 20.84 -1.07 -24.56
N SER A 309 20.79 -2.26 -23.96
CA SER A 309 20.51 -3.49 -24.70
C SER A 309 19.04 -3.67 -25.10
N LEU A 310 18.15 -2.88 -24.50
CA LEU A 310 16.73 -2.90 -24.85
C LEU A 310 16.43 -1.93 -25.99
N PRO A 311 15.61 -2.36 -26.99
CA PRO A 311 15.29 -1.57 -28.20
C PRO A 311 14.76 -0.16 -27.92
N ASP A 312 15.04 0.76 -28.84
CA ASP A 312 14.67 2.18 -28.69
C ASP A 312 13.19 2.41 -28.98
N LYS B 25 -30.99 -18.10 25.14
CA LYS B 25 -32.12 -18.59 24.29
C LYS B 25 -31.65 -18.90 22.87
N LEU B 26 -30.92 -17.94 22.29
CA LEU B 26 -30.37 -18.11 20.95
C LEU B 26 -28.99 -18.79 21.03
N GLU B 27 -28.93 -19.81 21.89
CA GLU B 27 -27.67 -20.44 22.30
C GLU B 27 -27.60 -21.88 21.80
N ASP B 28 -28.33 -22.15 20.72
CA ASP B 28 -28.46 -23.51 20.19
C ASP B 28 -27.17 -24.03 19.53
N VAL B 29 -26.24 -23.11 19.25
CA VAL B 29 -25.07 -23.42 18.42
C VAL B 29 -23.75 -23.52 19.22
N VAL B 30 -23.86 -23.43 20.55
CA VAL B 30 -22.68 -23.50 21.41
C VAL B 30 -22.06 -24.91 21.48
N ILE B 31 -20.82 -24.99 21.01
CA ILE B 31 -20.03 -26.22 20.96
C ILE B 31 -19.22 -26.37 22.25
N ASP B 32 -19.10 -27.62 22.72
CA ASP B 32 -18.24 -27.95 23.87
C ASP B 32 -16.79 -27.53 23.61
N ARG B 33 -16.18 -26.84 24.57
CA ARG B 33 -14.81 -26.33 24.42
C ARG B 33 -13.81 -27.43 24.08
N ASN B 34 -13.98 -28.58 24.72
CA ASN B 34 -13.07 -29.72 24.58
C ASN B 34 -12.97 -30.29 23.17
N LEU B 35 -13.94 -29.96 22.32
CA LEU B 35 -13.93 -30.39 20.91
C LEU B 35 -13.04 -29.48 20.08
N LEU B 36 -12.45 -28.49 20.75
CA LEU B 36 -11.67 -27.47 20.07
C LEU B 36 -10.21 -27.41 20.53
N ILE B 37 -9.30 -27.43 19.56
CA ILE B 37 -7.87 -27.31 19.81
C ILE B 37 -7.35 -26.04 19.11
N LEU B 38 -6.70 -25.17 19.87
CA LEU B 38 -6.26 -23.86 19.35
C LEU B 38 -4.79 -23.82 18.93
N GLY B 39 -4.53 -23.15 17.81
CA GLY B 39 -3.18 -23.05 17.25
C GLY B 39 -2.59 -21.66 17.28
N LYS B 40 -1.71 -21.38 16.32
CA LYS B 40 -1.02 -20.10 16.25
C LYS B 40 -1.92 -19.01 15.66
N ILE B 41 -1.56 -17.76 15.94
CA ILE B 41 -2.31 -16.60 15.46
C ILE B 41 -2.19 -16.48 13.95
N LEU B 42 -3.32 -16.28 13.27
CA LEU B 42 -3.36 -16.16 11.82
C LEU B 42 -3.40 -14.70 11.34
N GLY B 43 -4.08 -13.84 12.09
CA GLY B 43 -4.16 -12.42 11.74
C GLY B 43 -4.59 -11.50 12.87
N GLU B 44 -4.63 -10.20 12.55
CA GLU B 44 -5.21 -9.17 13.42
C GLU B 44 -4.36 -8.83 14.65
N GLY B 48 -10.31 -8.21 18.72
CA GLY B 48 -9.59 -9.42 19.13
C GLY B 48 -8.54 -9.92 18.14
N SER B 49 -8.42 -11.23 18.02
CA SER B 49 -7.43 -11.85 17.11
C SER B 49 -7.89 -13.22 16.57
N VAL B 50 -7.37 -13.59 15.40
CA VAL B 50 -7.80 -14.84 14.75
C VAL B 50 -6.72 -15.92 14.75
N MET B 51 -7.08 -17.06 15.30
CA MET B 51 -6.17 -18.20 15.46
C MET B 51 -6.61 -19.37 14.61
N GLU B 52 -5.65 -20.20 14.20
CA GLU B 52 -5.97 -21.48 13.59
C GLU B 52 -6.46 -22.43 14.68
N GLY B 53 -7.14 -23.49 14.26
CA GLY B 53 -7.68 -24.44 15.20
C GLY B 53 -8.21 -25.68 14.52
N ASN B 54 -8.38 -26.73 15.33
CA ASN B 54 -9.02 -27.96 14.89
C ASN B 54 -10.35 -28.13 15.61
N LEU B 55 -11.42 -28.37 14.85
CA LEU B 55 -12.73 -28.65 15.43
C LEU B 55 -13.10 -30.12 15.22
N LYS B 56 -13.39 -30.80 16.33
CA LYS B 56 -13.87 -32.18 16.29
C LYS B 56 -15.36 -32.22 16.08
N GLN B 57 -15.78 -32.76 14.94
CA GLN B 57 -17.20 -32.78 14.57
C GLN B 57 -17.96 -33.90 15.26
N GLU B 58 -19.29 -33.88 15.10
CA GLU B 58 -20.16 -34.94 15.63
C GLU B 58 -20.09 -36.16 14.70
N ASP B 59 -19.61 -35.94 13.49
CA ASP B 59 -19.29 -36.99 12.54
C ASP B 59 -18.09 -37.84 13.00
N GLY B 60 -17.30 -37.30 13.92
CA GLY B 60 -16.15 -38.02 14.46
C GLY B 60 -14.82 -37.46 13.97
N THR B 61 -14.81 -36.95 12.75
CA THR B 61 -13.60 -36.41 12.14
C THR B 61 -13.29 -35.02 12.68
N SER B 62 -12.13 -34.49 12.30
CA SER B 62 -11.73 -33.15 12.73
C SER B 62 -11.63 -32.20 11.55
N LEU B 63 -12.17 -31.00 11.74
CA LEU B 63 -12.18 -29.97 10.69
C LEU B 63 -11.21 -28.84 11.02
N LYS B 64 -10.51 -28.37 10.00
CA LYS B 64 -9.61 -27.24 10.16
C LYS B 64 -10.39 -25.94 10.14
N VAL B 65 -10.23 -25.17 11.22
CA VAL B 65 -11.04 -23.97 11.44
C VAL B 65 -10.24 -22.69 11.77
N ALA B 66 -10.94 -21.55 11.76
CA ALA B 66 -10.37 -20.26 12.15
C ALA B 66 -11.20 -19.65 13.29
N VAL B 67 -10.54 -19.27 14.38
CA VAL B 67 -11.25 -18.87 15.59
C VAL B 67 -11.06 -17.38 15.91
N LYS B 68 -12.16 -16.64 15.88
CA LYS B 68 -12.17 -15.26 16.32
C LYS B 68 -12.26 -15.22 17.84
N THR B 69 -11.27 -14.62 18.49
CA THR B 69 -11.34 -14.34 19.93
C THR B 69 -11.74 -12.89 20.13
N MET B 70 -12.73 -12.65 21.00
CA MET B 70 -13.36 -11.33 21.13
C MET B 70 -13.60 -10.90 22.58
N LYS B 71 -14.61 -10.06 22.78
CA LYS B 71 -14.99 -9.58 24.11
C LYS B 71 -15.84 -10.60 24.85
N GLU B 86 -21.74 -11.79 19.94
CA GLU B 86 -23.04 -12.32 19.53
C GLU B 86 -23.13 -12.55 18.02
N ALA B 87 -22.99 -13.81 17.63
CA ALA B 87 -23.04 -14.23 16.23
C ALA B 87 -24.43 -14.77 15.86
N ALA B 88 -25.37 -14.62 16.78
CA ALA B 88 -26.76 -15.07 16.61
C ALA B 88 -27.32 -14.79 15.21
N CYS B 89 -27.02 -13.60 14.69
CA CYS B 89 -27.46 -13.18 13.37
C CYS B 89 -27.03 -14.11 12.23
N MET B 90 -25.91 -14.83 12.44
CA MET B 90 -25.27 -15.61 11.37
C MET B 90 -25.57 -17.11 11.37
N LYS B 91 -26.26 -17.60 12.38
CA LYS B 91 -26.49 -19.04 12.55
C LYS B 91 -27.13 -19.72 11.32
N ASP B 92 -28.08 -19.03 10.71
CA ASP B 92 -28.89 -19.61 9.65
C ASP B 92 -28.42 -19.30 8.22
N PHE B 93 -27.32 -18.56 8.09
CA PHE B 93 -26.80 -18.22 6.76
C PHE B 93 -26.21 -19.45 6.06
N SER B 94 -26.64 -19.70 4.83
CA SER B 94 -26.09 -20.81 4.04
C SER B 94 -26.06 -20.49 2.54
N HIS B 95 -24.88 -20.15 2.06
CA HIS B 95 -24.66 -19.74 0.67
C HIS B 95 -23.18 -19.95 0.34
N PRO B 96 -22.89 -20.55 -0.82
CA PRO B 96 -21.51 -20.80 -1.22
C PRO B 96 -20.58 -19.58 -1.09
N ASN B 97 -21.14 -18.37 -1.25
CA ASN B 97 -20.37 -17.13 -1.25
C ASN B 97 -20.52 -16.31 0.05
N VAL B 98 -21.02 -16.94 1.10
CA VAL B 98 -21.02 -16.35 2.43
C VAL B 98 -20.35 -17.35 3.37
N ILE B 99 -19.52 -16.84 4.28
CA ILE B 99 -18.78 -17.69 5.20
C ILE B 99 -19.79 -18.30 6.16
N ARG B 100 -19.48 -19.48 6.69
CA ARG B 100 -20.42 -20.21 7.53
C ARG B 100 -20.00 -20.20 9.01
N LEU B 101 -20.90 -19.78 9.89
CA LEU B 101 -20.67 -19.91 11.32
C LEU B 101 -20.77 -21.39 11.69
N LEU B 102 -19.62 -22.00 12.01
CA LEU B 102 -19.58 -23.43 12.36
C LEU B 102 -20.06 -23.66 13.79
N GLY B 103 -19.77 -22.71 14.67
CA GLY B 103 -20.20 -22.77 16.08
C GLY B 103 -19.67 -21.64 16.93
N VAL B 104 -20.15 -21.56 18.16
CA VAL B 104 -19.69 -20.57 19.13
C VAL B 104 -19.18 -21.31 20.35
N CYS B 105 -18.25 -20.70 21.07
CA CYS B 105 -17.54 -21.37 22.15
C CYS B 105 -17.20 -20.40 23.28
N ILE B 106 -17.39 -20.85 24.52
CA ILE B 106 -17.11 -20.03 25.70
C ILE B 106 -15.96 -20.64 26.52
N GLU B 107 -14.93 -19.84 26.79
CA GLU B 107 -13.88 -20.25 27.71
C GLU B 107 -14.06 -19.56 29.05
N MET B 108 -13.76 -20.27 30.12
CA MET B 108 -13.83 -19.70 31.46
C MET B 108 -12.42 -19.56 32.02
N SER B 109 -11.81 -18.41 31.80
CA SER B 109 -10.45 -18.11 32.29
C SER B 109 -10.25 -18.61 33.71
N SER B 110 -9.10 -19.24 33.96
CA SER B 110 -8.76 -19.77 35.27
C SER B 110 -8.87 -18.72 36.38
N GLN B 111 -9.20 -17.49 36.00
CA GLN B 111 -9.37 -16.39 36.95
C GLN B 111 -10.85 -16.00 37.13
N GLY B 112 -11.68 -16.28 36.13
CA GLY B 112 -13.12 -16.06 36.23
C GLY B 112 -13.79 -15.47 35.00
N ILE B 113 -13.00 -14.85 34.12
CA ILE B 113 -13.52 -14.11 32.99
C ILE B 113 -14.05 -15.03 31.87
N PRO B 114 -15.24 -14.70 31.30
CA PRO B 114 -15.80 -15.45 30.18
C PRO B 114 -15.12 -15.06 28.86
N LYS B 115 -14.49 -16.03 28.21
CA LYS B 115 -13.74 -15.77 26.99
C LYS B 115 -14.47 -16.38 25.81
N PRO B 116 -15.34 -15.58 25.14
CA PRO B 116 -16.18 -16.09 24.06
C PRO B 116 -15.39 -16.22 22.77
N MET B 117 -15.76 -17.18 21.93
CA MET B 117 -15.06 -17.44 20.65
C MET B 117 -16.01 -17.96 19.59
N VAL B 118 -15.96 -17.36 18.40
CA VAL B 118 -16.77 -17.82 17.29
C VAL B 118 -15.93 -18.62 16.28
N ILE B 119 -16.44 -19.78 15.88
CA ILE B 119 -15.70 -20.73 15.01
C ILE B 119 -16.10 -20.60 13.54
N LEU B 120 -15.11 -20.49 12.66
CA LEU B 120 -15.31 -20.30 11.21
C LEU B 120 -14.44 -21.26 10.41
N PRO B 121 -14.80 -21.51 9.12
CA PRO B 121 -13.98 -22.42 8.31
C PRO B 121 -12.62 -21.84 7.93
N PHE B 122 -11.57 -22.59 8.17
CA PHE B 122 -10.24 -22.21 7.71
C PHE B 122 -10.19 -22.30 6.18
N MET B 123 -9.80 -21.21 5.53
CA MET B 123 -9.61 -21.16 4.08
C MET B 123 -8.11 -21.10 3.80
N LYS B 124 -7.58 -22.16 3.19
CA LYS B 124 -6.13 -22.28 3.04
C LYS B 124 -5.53 -21.33 2.03
N TYR B 125 -6.37 -20.76 1.16
CA TYR B 125 -5.88 -19.87 0.11
C TYR B 125 -5.79 -18.41 0.52
N GLY B 126 -6.30 -18.09 1.71
CA GLY B 126 -6.15 -16.77 2.31
C GLY B 126 -7.20 -15.77 1.86
N ASP B 127 -6.91 -14.49 2.05
CA ASP B 127 -7.82 -13.42 1.59
C ASP B 127 -7.56 -12.99 0.15
N LEU B 128 -8.53 -12.30 -0.43
CA LEU B 128 -8.45 -11.88 -1.84
C LEU B 128 -7.40 -10.79 -2.06
N HIS B 129 -7.43 -9.75 -1.23
CA HIS B 129 -6.44 -8.67 -1.30
C HIS B 129 -5.01 -9.21 -1.48
N THR B 130 -4.64 -10.16 -0.61
CA THR B 130 -3.30 -10.76 -0.61
C THR B 130 -3.06 -11.60 -1.87
N TYR B 131 -4.04 -12.43 -2.22
CA TYR B 131 -3.95 -13.28 -3.39
C TYR B 131 -3.69 -12.47 -4.66
N LEU B 132 -4.33 -11.30 -4.74
CA LEU B 132 -4.15 -10.37 -5.87
C LEU B 132 -2.72 -9.84 -5.97
N LEU B 133 -2.14 -9.47 -4.83
CA LEU B 133 -0.76 -8.98 -4.78
C LEU B 133 0.27 -10.06 -5.14
N TYR B 134 0.17 -11.24 -4.52
CA TYR B 134 1.01 -12.40 -4.86
C TYR B 134 1.01 -12.71 -6.34
N SER B 135 -0.11 -12.45 -7.01
CA SER B 135 -0.29 -12.86 -8.40
C SER B 135 0.52 -12.02 -9.36
N ARG B 136 0.82 -10.78 -8.95
CA ARG B 136 1.67 -9.88 -9.72
C ARG B 136 3.14 -10.30 -9.62
N LEU B 137 3.43 -11.18 -8.65
CA LEU B 137 4.73 -11.81 -8.51
C LEU B 137 4.74 -13.16 -9.22
N GLU B 138 5.93 -13.58 -9.68
CA GLU B 138 6.16 -14.97 -10.04
C GLU B 138 6.00 -15.81 -8.76
N THR B 139 6.40 -17.08 -8.81
CA THR B 139 6.26 -18.02 -7.67
C THR B 139 4.82 -18.12 -7.14
N GLY B 140 4.24 -16.98 -6.77
CA GLY B 140 2.84 -16.91 -6.38
C GLY B 140 1.92 -17.20 -7.56
N PRO B 141 0.61 -17.32 -7.29
CA PRO B 141 -0.42 -17.62 -8.30
C PRO B 141 -0.22 -16.87 -9.62
N LYS B 142 -0.45 -17.55 -10.74
CA LYS B 142 -0.17 -16.96 -12.06
C LYS B 142 -1.07 -15.80 -12.49
N HIS B 143 -0.78 -15.21 -13.65
CA HIS B 143 -1.47 -13.99 -14.09
C HIS B 143 -2.96 -14.22 -14.31
N ILE B 144 -3.76 -13.59 -13.46
CA ILE B 144 -5.20 -13.76 -13.45
C ILE B 144 -5.85 -13.01 -14.60
N PRO B 145 -6.58 -13.73 -15.48
CA PRO B 145 -7.27 -13.06 -16.59
C PRO B 145 -8.53 -12.33 -16.11
N LEU B 146 -8.94 -11.32 -16.88
CA LEU B 146 -10.15 -10.54 -16.60
C LEU B 146 -11.38 -11.44 -16.37
N GLN B 147 -11.45 -12.51 -17.15
CA GLN B 147 -12.50 -13.53 -17.03
C GLN B 147 -12.59 -14.09 -15.61
N THR B 148 -11.43 -14.33 -14.99
CA THR B 148 -11.39 -14.79 -13.60
C THR B 148 -11.66 -13.65 -12.61
N LEU B 149 -11.24 -12.44 -12.96
CA LEU B 149 -11.44 -11.27 -12.09
C LEU B 149 -12.92 -10.94 -11.91
N LEU B 150 -13.64 -10.98 -13.01
CA LEU B 150 -15.08 -10.73 -13.01
C LEU B 150 -15.80 -11.79 -12.21
N LYS B 151 -15.38 -13.04 -12.38
CA LYS B 151 -15.90 -14.13 -11.58
C LYS B 151 -15.74 -13.80 -10.10
N PHE B 152 -14.55 -13.35 -9.70
CA PHE B 152 -14.32 -12.90 -8.32
C PHE B 152 -15.39 -11.89 -7.93
N MET B 153 -15.62 -10.92 -8.81
CA MET B 153 -16.61 -9.88 -8.57
C MET B 153 -18.02 -10.43 -8.53
N VAL B 154 -18.30 -11.46 -9.35
CA VAL B 154 -19.62 -12.12 -9.35
C VAL B 154 -19.90 -12.78 -7.99
N ASP B 155 -18.91 -13.50 -7.47
CA ASP B 155 -19.03 -14.20 -6.20
C ASP B 155 -19.38 -13.26 -5.02
N ILE B 156 -18.69 -12.13 -4.91
CA ILE B 156 -18.99 -11.16 -3.86
C ILE B 156 -20.40 -10.61 -4.04
N ALA B 157 -20.78 -10.39 -5.29
CA ALA B 157 -22.11 -9.90 -5.61
C ALA B 157 -23.17 -10.89 -5.13
N LEU B 158 -22.98 -12.17 -5.45
CA LEU B 158 -23.90 -13.23 -5.00
C LEU B 158 -24.02 -13.31 -3.49
N GLY B 159 -22.91 -13.15 -2.80
CA GLY B 159 -22.91 -13.17 -1.34
C GLY B 159 -23.67 -12.00 -0.77
N MET B 160 -23.48 -10.83 -1.37
CA MET B 160 -24.09 -9.60 -0.85
C MET B 160 -25.57 -9.51 -1.23
N GLU B 161 -25.93 -10.13 -2.36
CA GLU B 161 -27.33 -10.27 -2.75
C GLU B 161 -28.04 -11.12 -1.70
N TYR B 162 -27.41 -12.23 -1.32
CA TYR B 162 -27.90 -13.08 -0.24
C TYR B 162 -28.07 -12.34 1.09
N LEU B 163 -27.03 -11.62 1.54
CA LEU B 163 -27.08 -10.89 2.81
C LEU B 163 -28.06 -9.71 2.82
N SER B 164 -28.07 -8.94 1.74
CA SER B 164 -28.97 -7.80 1.60
C SER B 164 -30.43 -8.24 1.62
N ASN B 165 -30.72 -9.41 1.04
CA ASN B 165 -32.05 -9.99 1.07
C ASN B 165 -32.51 -10.40 2.47
N ARG B 166 -31.56 -10.57 3.38
CA ARG B 166 -31.84 -10.94 4.77
C ARG B 166 -31.60 -9.76 5.73
N ASN B 167 -31.53 -8.56 5.17
CA ASN B 167 -31.45 -7.31 5.93
C ASN B 167 -30.27 -7.22 6.89
N PHE B 168 -29.19 -7.93 6.57
CA PHE B 168 -27.95 -7.83 7.33
C PHE B 168 -26.95 -6.97 6.56
N LEU B 169 -26.35 -6.02 7.27
CA LEU B 169 -25.42 -5.08 6.66
C LEU B 169 -23.97 -5.44 6.99
N HIS B 170 -23.15 -5.56 5.95
CA HIS B 170 -21.75 -5.99 6.07
C HIS B 170 -20.88 -5.03 6.89
N ARG B 171 -21.02 -3.72 6.62
CA ARG B 171 -20.34 -2.65 7.38
C ARG B 171 -18.81 -2.59 7.24
N ASP B 172 -18.22 -3.60 6.62
CA ASP B 172 -16.76 -3.66 6.46
C ASP B 172 -16.34 -4.38 5.18
N LEU B 173 -17.00 -4.06 4.07
CA LEU B 173 -16.68 -4.75 2.82
C LEU B 173 -15.44 -4.14 2.16
N ALA B 174 -14.39 -4.93 2.07
CA ALA B 174 -13.17 -4.58 1.34
C ALA B 174 -12.60 -5.89 0.80
N ALA B 175 -11.62 -5.82 -0.10
CA ALA B 175 -11.01 -7.02 -0.66
C ALA B 175 -10.30 -7.88 0.38
N ARG B 176 -9.68 -7.24 1.37
CA ARG B 176 -9.07 -7.94 2.50
C ARG B 176 -10.03 -8.83 3.30
N ASN B 177 -11.31 -8.49 3.29
CA ASN B 177 -12.31 -9.28 4.02
C ASN B 177 -13.04 -10.34 3.21
N CYS B 178 -12.63 -10.52 1.96
CA CYS B 178 -13.15 -11.60 1.15
C CYS B 178 -12.18 -12.77 1.15
N MET B 179 -12.71 -13.96 1.47
CA MET B 179 -11.91 -15.17 1.59
C MET B 179 -12.02 -16.07 0.38
N LEU B 180 -10.98 -16.86 0.15
CA LEU B 180 -10.96 -17.79 -0.97
C LEU B 180 -11.16 -19.22 -0.50
N ARG B 181 -12.12 -19.89 -1.11
CA ARG B 181 -12.43 -21.28 -0.78
C ARG B 181 -11.53 -22.21 -1.59
N ASP B 182 -11.63 -23.51 -1.30
CA ASP B 182 -10.77 -24.50 -1.93
C ASP B 182 -11.04 -24.68 -3.44
N ASP B 183 -12.25 -24.38 -3.87
CA ASP B 183 -12.62 -24.42 -5.28
C ASP B 183 -12.35 -23.08 -5.97
N MET B 184 -11.76 -22.15 -5.21
CA MET B 184 -11.41 -20.80 -5.68
C MET B 184 -12.61 -19.85 -5.88
N THR B 185 -13.75 -20.21 -5.30
CA THR B 185 -14.87 -19.27 -5.24
C THR B 185 -14.67 -18.35 -4.05
N VAL B 186 -15.11 -17.10 -4.17
CA VAL B 186 -14.95 -16.11 -3.10
C VAL B 186 -16.16 -16.10 -2.15
N CYS B 187 -15.90 -16.03 -0.86
CA CYS B 187 -16.98 -15.84 0.09
C CYS B 187 -16.73 -14.59 0.93
N VAL B 188 -17.80 -13.88 1.27
CA VAL B 188 -17.70 -12.68 2.11
C VAL B 188 -17.55 -13.03 3.59
N ALA B 189 -16.73 -12.27 4.31
CA ALA B 189 -16.42 -12.54 5.71
C ALA B 189 -16.09 -11.26 6.48
N ASP B 190 -15.70 -11.42 7.75
CA ASP B 190 -15.29 -10.32 8.63
C ASP B 190 -16.38 -9.26 8.78
N PHE B 191 -17.63 -9.67 8.64
CA PHE B 191 -18.76 -8.77 8.80
C PHE B 191 -19.33 -8.76 10.22
N MET B 211 -13.13 4.29 10.56
CA MET B 211 -11.68 4.20 10.76
C MET B 211 -10.88 3.72 9.53
N PRO B 212 -11.46 2.82 8.70
CA PRO B 212 -10.89 2.56 7.37
C PRO B 212 -11.57 3.43 6.30
N VAL B 213 -11.28 4.72 6.35
CA VAL B 213 -12.02 5.80 5.68
C VAL B 213 -12.36 5.61 4.18
N LYS B 214 -11.45 5.01 3.43
CA LYS B 214 -11.53 4.98 1.96
C LYS B 214 -12.56 4.01 1.37
N TRP B 215 -13.23 3.25 2.23
CA TRP B 215 -14.27 2.33 1.78
C TRP B 215 -15.66 2.81 2.20
N ILE B 216 -15.71 3.78 3.11
CA ILE B 216 -16.95 4.28 3.68
C ILE B 216 -17.68 5.29 2.76
N ALA B 217 -18.98 5.09 2.59
CA ALA B 217 -19.80 5.97 1.75
C ALA B 217 -19.89 7.41 2.26
N ILE B 218 -20.07 8.34 1.31
CA ILE B 218 -20.13 9.77 1.59
C ILE B 218 -21.20 10.15 2.62
N GLU B 219 -22.36 9.50 2.54
CA GLU B 219 -23.44 9.72 3.50
C GLU B 219 -23.05 9.22 4.90
N SER B 220 -22.25 8.16 4.94
CA SER B 220 -21.83 7.53 6.18
C SER B 220 -20.68 8.27 6.86
N LEU B 221 -19.98 9.11 6.09
CA LEU B 221 -18.94 9.98 6.65
C LEU B 221 -19.57 11.27 7.17
N ALA B 222 -20.48 11.83 6.38
CA ALA B 222 -21.24 13.02 6.76
C ALA B 222 -22.11 12.77 7.99
N ASP B 223 -22.75 11.60 8.05
CA ASP B 223 -23.67 11.25 9.14
C ASP B 223 -23.30 9.96 9.84
N ARG B 224 -23.89 9.73 11.00
CA ARG B 224 -23.84 8.43 11.67
C ARG B 224 -24.94 7.54 11.06
N VAL B 225 -24.71 7.12 9.82
CA VAL B 225 -25.73 6.44 9.00
C VAL B 225 -25.13 5.29 8.20
N TYR B 226 -25.88 4.19 8.10
CA TYR B 226 -25.48 3.04 7.28
C TYR B 226 -26.70 2.23 6.79
N THR B 227 -26.78 2.01 5.48
CA THR B 227 -27.81 1.15 4.88
C THR B 227 -27.14 0.17 3.90
N SER B 228 -27.94 -0.62 3.19
CA SER B 228 -27.42 -1.54 2.18
C SER B 228 -26.71 -0.78 1.06
N LYS B 229 -27.12 0.47 0.86
CA LYS B 229 -26.57 1.32 -0.17
C LYS B 229 -25.13 1.76 0.13
N SER B 230 -24.77 1.70 1.41
CA SER B 230 -23.42 2.00 1.85
C SER B 230 -22.53 0.77 1.60
N ASP B 231 -23.10 -0.42 1.77
CA ASP B 231 -22.46 -1.67 1.36
C ASP B 231 -22.17 -1.63 -0.16
N VAL B 232 -23.18 -1.25 -0.95
CA VAL B 232 -23.06 -1.15 -2.40
C VAL B 232 -21.88 -0.26 -2.78
N TRP B 233 -21.78 0.86 -2.06
CA TRP B 233 -20.65 1.78 -2.19
C TRP B 233 -19.34 1.04 -2.01
N ALA B 234 -19.23 0.27 -0.92
CA ALA B 234 -18.02 -0.49 -0.61
C ALA B 234 -17.73 -1.57 -1.65
N PHE B 235 -18.78 -2.15 -2.22
CA PHE B 235 -18.61 -3.17 -3.25
C PHE B 235 -17.95 -2.61 -4.51
N GLY B 236 -18.27 -1.36 -4.83
CA GLY B 236 -17.67 -0.67 -5.96
C GLY B 236 -16.19 -0.46 -5.75
N VAL B 237 -15.82 -0.07 -4.52
CA VAL B 237 -14.42 0.09 -4.16
C VAL B 237 -13.72 -1.26 -4.31
N THR B 238 -14.31 -2.29 -3.70
CA THR B 238 -13.79 -3.64 -3.79
C THR B 238 -13.58 -4.04 -5.27
N MET B 239 -14.61 -3.78 -6.09
CA MET B 239 -14.55 -4.06 -7.53
C MET B 239 -13.29 -3.44 -8.13
N TRP B 240 -13.04 -2.18 -7.73
CA TRP B 240 -11.88 -1.43 -8.19
C TRP B 240 -10.59 -2.07 -7.65
N GLU B 241 -10.57 -2.42 -6.35
CA GLU B 241 -9.45 -3.17 -5.74
C GLU B 241 -9.06 -4.39 -6.58
N ILE B 242 -10.06 -5.11 -7.06
CA ILE B 242 -9.85 -6.31 -7.87
C ILE B 242 -9.35 -5.94 -9.28
N ALA B 243 -10.01 -4.96 -9.91
CA ALA B 243 -9.63 -4.53 -11.24
C ALA B 243 -8.21 -3.98 -11.29
N THR B 244 -7.74 -3.45 -10.16
CA THR B 244 -6.39 -2.89 -10.07
C THR B 244 -5.38 -3.95 -9.62
N ARG B 245 -5.89 -5.03 -9.03
CA ARG B 245 -5.09 -6.10 -8.45
C ARG B 245 -4.36 -5.64 -7.18
N GLY B 246 -5.10 -4.96 -6.29
CA GLY B 246 -4.65 -4.66 -4.94
C GLY B 246 -4.18 -3.24 -4.64
N MET B 247 -4.42 -2.31 -5.55
CA MET B 247 -4.07 -0.90 -5.31
C MET B 247 -4.88 -0.33 -4.17
N THR B 248 -4.24 0.50 -3.37
CA THR B 248 -4.97 1.26 -2.37
C THR B 248 -5.85 2.26 -3.10
N PRO B 249 -7.14 2.31 -2.73
CA PRO B 249 -8.02 3.35 -3.27
C PRO B 249 -7.45 4.76 -3.12
N TYR B 250 -7.73 5.59 -4.12
CA TYR B 250 -7.44 7.01 -4.08
C TYR B 250 -5.93 7.31 -3.91
N PRO B 251 -5.09 6.88 -4.86
CA PRO B 251 -3.68 7.23 -4.78
C PRO B 251 -3.50 8.75 -4.83
N GLY B 252 -2.53 9.25 -4.07
CA GLY B 252 -2.31 10.69 -3.95
C GLY B 252 -3.21 11.40 -2.94
N VAL B 253 -4.32 10.76 -2.58
CA VAL B 253 -5.29 11.33 -1.64
C VAL B 253 -5.15 10.73 -0.24
N GLN B 254 -4.86 11.58 0.72
CA GLN B 254 -4.66 11.19 2.12
C GLN B 254 -6.02 11.02 2.82
N ASN B 255 -6.05 10.21 3.87
CA ASN B 255 -7.31 9.85 4.57
C ASN B 255 -8.19 11.02 5.03
N HIS B 256 -7.58 12.07 5.57
CA HIS B 256 -8.34 13.23 6.03
C HIS B 256 -8.92 14.03 4.87
N GLU B 257 -8.22 13.99 3.73
CA GLU B 257 -8.64 14.67 2.51
C GLU B 257 -9.89 14.04 1.87
N MET B 258 -10.20 12.80 2.24
CA MET B 258 -11.26 12.00 1.59
C MET B 258 -12.64 12.65 1.58
N TYR B 259 -13.11 13.11 2.75
CA TYR B 259 -14.42 13.74 2.85
C TYR B 259 -14.60 14.90 1.86
N ASP B 260 -13.66 15.85 1.85
CA ASP B 260 -13.67 16.98 0.92
C ASP B 260 -13.60 16.50 -0.53
N TYR B 261 -12.76 15.51 -0.77
CA TYR B 261 -12.49 14.99 -2.12
C TYR B 261 -13.74 14.44 -2.81
N LEU B 262 -14.48 13.57 -2.12
CA LEU B 262 -15.73 13.01 -2.63
C LEU B 262 -16.81 14.08 -2.76
N LEU B 263 -16.88 14.95 -1.75
CA LEU B 263 -17.88 16.02 -1.69
C LEU B 263 -17.87 16.94 -2.93
N HIS B 264 -16.68 17.28 -3.40
CA HIS B 264 -16.49 18.08 -4.62
C HIS B 264 -16.81 17.31 -5.91
N GLY B 265 -17.18 16.04 -5.78
CA GLY B 265 -17.68 15.24 -6.90
C GLY B 265 -16.74 14.22 -7.48
N HIS B 266 -15.61 13.99 -6.81
CA HIS B 266 -14.55 13.12 -7.33
C HIS B 266 -14.72 11.65 -6.93
N ARG B 267 -14.21 10.76 -7.76
CA ARG B 267 -14.42 9.31 -7.59
C ARG B 267 -13.23 8.50 -8.10
N LEU B 268 -13.04 7.31 -7.55
CA LEU B 268 -12.05 6.35 -8.04
C LEU B 268 -12.02 6.33 -9.57
N LYS B 269 -10.83 6.55 -10.12
CA LYS B 269 -10.64 6.65 -11.57
C LYS B 269 -10.57 5.29 -12.26
N GLN B 270 -10.86 5.28 -13.55
CA GLN B 270 -10.84 4.07 -14.37
C GLN B 270 -9.43 3.49 -14.49
N PRO B 271 -9.27 2.21 -14.12
CA PRO B 271 -7.99 1.51 -14.34
C PRO B 271 -7.61 1.36 -15.82
N GLU B 272 -6.30 1.33 -16.08
CA GLU B 272 -5.72 1.42 -17.42
C GLU B 272 -6.29 0.41 -18.42
N ASP B 273 -6.42 -0.85 -17.99
CA ASP B 273 -6.88 -1.93 -18.88
C ASP B 273 -8.35 -2.33 -18.68
N CYS B 274 -9.04 -1.58 -17.82
CA CYS B 274 -10.43 -1.83 -17.44
C CYS B 274 -11.41 -1.45 -18.55
N LEU B 275 -12.30 -2.39 -18.88
CA LEU B 275 -13.30 -2.17 -19.91
C LEU B 275 -14.29 -1.10 -19.45
N ASP B 276 -14.72 -0.27 -20.40
CA ASP B 276 -15.68 0.80 -20.14
C ASP B 276 -16.91 0.32 -19.38
N GLU B 277 -17.48 -0.79 -19.85
CA GLU B 277 -18.70 -1.40 -19.30
C GLU B 277 -18.51 -1.79 -17.84
N LEU B 278 -17.32 -2.31 -17.52
CA LEU B 278 -16.99 -2.65 -16.14
C LEU B 278 -16.90 -1.40 -15.27
N TYR B 279 -16.37 -0.32 -15.84
CA TYR B 279 -16.21 0.91 -15.08
C TYR B 279 -17.56 1.54 -14.74
N GLU B 280 -18.47 1.50 -15.71
CA GLU B 280 -19.82 2.01 -15.51
C GLU B 280 -20.52 1.34 -14.33
N ILE B 281 -20.36 0.02 -14.22
CA ILE B 281 -20.97 -0.73 -13.15
C ILE B 281 -20.43 -0.29 -11.78
N MET B 282 -19.10 -0.18 -11.66
CA MET B 282 -18.51 0.23 -10.38
C MET B 282 -18.81 1.68 -10.05
N TYR B 283 -18.87 2.51 -11.09
CA TYR B 283 -19.19 3.93 -10.93
C TYR B 283 -20.59 4.12 -10.35
N SER B 284 -21.55 3.38 -10.87
CA SER B 284 -22.94 3.47 -10.41
C SER B 284 -23.08 3.18 -8.90
N CYS B 285 -22.07 2.55 -8.30
CA CYS B 285 -22.05 2.29 -6.86
C CYS B 285 -21.68 3.52 -6.04
N TRP B 286 -21.27 4.61 -6.69
CA TRP B 286 -20.82 5.79 -5.96
C TRP B 286 -21.66 7.04 -6.17
N ARG B 287 -22.79 6.88 -6.86
CA ARG B 287 -23.72 7.97 -7.07
C ARG B 287 -24.06 8.61 -5.75
N THR B 288 -24.10 9.95 -5.73
CA THR B 288 -24.24 10.72 -4.48
C THR B 288 -25.42 10.29 -3.60
N ASP B 289 -26.63 10.32 -4.15
CA ASP B 289 -27.81 9.91 -3.38
C ASP B 289 -27.90 8.39 -3.39
N PRO B 290 -27.80 7.77 -2.20
CA PRO B 290 -27.89 6.32 -2.01
C PRO B 290 -28.94 5.66 -2.90
N LEU B 291 -30.12 6.26 -2.96
CA LEU B 291 -31.24 5.70 -3.72
C LEU B 291 -30.96 5.56 -5.23
N ASP B 292 -30.02 6.34 -5.75
CA ASP B 292 -29.61 6.19 -7.15
C ASP B 292 -28.73 4.95 -7.38
N ARG B 293 -28.16 4.40 -6.30
CA ARG B 293 -27.28 3.23 -6.43
C ARG B 293 -28.11 1.96 -6.70
N PRO B 294 -27.60 1.07 -7.57
CA PRO B 294 -28.28 -0.21 -7.83
C PRO B 294 -28.25 -1.14 -6.63
N THR B 295 -29.18 -2.10 -6.58
CA THR B 295 -29.16 -3.12 -5.56
C THR B 295 -28.10 -4.13 -5.93
N PHE B 296 -27.73 -4.96 -4.95
CA PHE B 296 -26.77 -6.03 -5.19
C PHE B 296 -27.24 -7.02 -6.26
N SER B 297 -28.55 -7.31 -6.29
CA SER B 297 -29.10 -8.25 -7.28
C SER B 297 -29.06 -7.71 -8.71
N VAL B 298 -29.21 -6.40 -8.87
CA VAL B 298 -29.00 -5.74 -10.15
C VAL B 298 -27.54 -5.90 -10.56
N LEU B 299 -26.66 -5.49 -9.63
CA LEU B 299 -25.22 -5.55 -9.83
C LEU B 299 -24.74 -6.93 -10.26
N ARG B 300 -25.17 -7.95 -9.51
CA ARG B 300 -24.84 -9.34 -9.77
C ARG B 300 -25.20 -9.74 -11.21
N LEU B 301 -26.36 -9.32 -11.68
CA LEU B 301 -26.80 -9.73 -13.00
C LEU B 301 -26.02 -8.99 -14.10
N GLN B 302 -25.60 -7.75 -13.82
CA GLN B 302 -24.86 -6.96 -14.79
C GLN B 302 -23.48 -7.55 -15.07
N LEU B 303 -22.79 -7.94 -13.99
CA LEU B 303 -21.52 -8.66 -14.08
C LEU B 303 -21.64 -10.05 -14.76
N GLU B 304 -22.69 -10.80 -14.44
CA GLU B 304 -22.93 -12.13 -15.00
C GLU B 304 -23.06 -12.10 -16.53
N LYS B 305 -23.84 -11.14 -17.01
CA LYS B 305 -24.15 -11.01 -18.42
C LYS B 305 -22.95 -10.42 -19.16
N LEU B 306 -22.20 -9.57 -18.48
CA LEU B 306 -20.93 -9.09 -19.01
C LEU B 306 -19.94 -10.23 -19.16
N LEU B 307 -19.76 -11.01 -18.10
CA LEU B 307 -18.91 -12.19 -18.10
C LEU B 307 -19.31 -13.14 -19.24
N GLU B 308 -20.61 -13.43 -19.34
CA GLU B 308 -21.11 -14.28 -20.42
C GLU B 308 -20.84 -13.65 -21.80
N SER B 309 -20.83 -12.32 -21.87
CA SER B 309 -20.67 -11.61 -23.14
C SER B 309 -19.24 -11.64 -23.68
N LEU B 310 -18.28 -11.88 -22.80
CA LEU B 310 -16.87 -11.94 -23.19
C LEU B 310 -16.58 -13.17 -24.06
#